data_2Y68
#
_entry.id   2Y68
#
_cell.length_a   65.544
_cell.length_b   65.544
_cell.length_c   134.959
_cell.angle_alpha   90.00
_cell.angle_beta   90.00
_cell.angle_gamma   90.00
#
_symmetry.space_group_name_H-M   'P 41'
#
loop_
_entity.id
_entity.type
_entity.pdbx_description
1 polymer 'UDP-N-ACETYLMURAMOYLALANINE--D-GLUTAMATE LIGASE'
2 non-polymer '2-[[2-fluoro-5-[[[4-[(Z)-(4-oxo-2-sulfanylidene-1,3-thiazolidin-5-ylidene)methyl]phenyl]amino]methyl]phenyl]carbonylamino]pentanedioic acid'
3 non-polymer 'DIMETHYL SULFOXIDE'
4 non-polymer 'AZIDE ION'
5 non-polymer 'SULFATE ION'
6 non-polymer 'CHLORIDE ION'
7 water water
#
_entity_poly.entity_id   1
_entity_poly.type   'polypeptide(L)'
_entity_poly.pdbx_seq_one_letter_code
;MADYQGKNVVIIGLGLTGLSCVDFFLARGVTPRVMDTRMTPPGLDKLPEAVERHTGSLNDEWLMAADLIVASPGIALAHP
SLSAAADAGIEIVGDIELFCREAQAPIVAITGSNGKSTVTTLVGEMAKAAGVNVGVGGNIGLPALMLLDDECELYVLELS
SFQLETTSSLQAVAATILNVTEDHMDRYPFGLQQYRAA(KCX)LRIYENAKVCVVNADDALTMPIRGADERCVSFGVNMG
DYHLNHQQGETWLRVKGEKVLNVKEMKLSGQHNYTNALAALALADAAGLPRASSLKALTTFTGLPHRFEVVLEHNGVRWI
NDSKATNVGSTEAALNGLHVDGTLHLLLGGDGKSADFSPLARYLNGDNVRLYCFGRDGAQLAALRPEVAEQTETMEQAMR
LLAPRVQPGDMVLLSPACASLDQFKNFEQRGNEFARLAKELGSHHHHHH
;
_entity_poly.pdbx_strand_id   A
#
# COMPACT_ATOMS: atom_id res chain seq x y z
N ALA A 2 6.60 10.50 -26.17
CA ALA A 2 7.94 11.06 -25.77
C ALA A 2 9.04 10.29 -26.48
N ASP A 3 10.13 10.97 -26.80
CA ASP A 3 11.25 10.32 -27.48
C ASP A 3 12.49 10.62 -26.66
N TYR A 4 13.14 9.58 -26.16
CA TYR A 4 14.27 9.74 -25.25
C TYR A 4 15.59 9.60 -25.97
N GLN A 5 15.53 9.37 -27.27
CA GLN A 5 16.75 9.10 -27.99
C GLN A 5 17.72 10.30 -27.87
N GLY A 6 18.97 9.98 -27.57
CA GLY A 6 20.02 11.00 -27.49
C GLY A 6 20.13 11.68 -26.14
N LYS A 7 19.17 11.38 -25.25
CA LYS A 7 19.13 12.06 -23.95
C LYS A 7 20.09 11.42 -22.94
N ASN A 8 20.59 12.27 -22.04
CA ASN A 8 21.37 11.83 -20.88
CA ASN A 8 21.35 11.79 -20.91
C ASN A 8 20.39 11.56 -19.75
N VAL A 9 20.17 10.29 -19.45
CA VAL A 9 19.14 9.89 -18.50
C VAL A 9 19.84 9.33 -17.26
N VAL A 10 19.40 9.76 -16.09
CA VAL A 10 19.93 9.27 -14.82
C VAL A 10 18.78 8.69 -14.02
N ILE A 11 18.94 7.44 -13.57
CA ILE A 11 17.92 6.75 -12.79
C ILE A 11 18.45 6.74 -11.37
N ILE A 12 17.63 7.21 -10.42
CA ILE A 12 18.01 7.23 -9.01
C ILE A 12 17.22 6.17 -8.29
N GLY A 13 17.91 5.18 -7.76
CA GLY A 13 17.24 4.09 -7.05
C GLY A 13 17.12 2.85 -7.92
N LEU A 14 17.65 1.77 -7.41
CA LEU A 14 17.63 0.52 -8.17
C LEU A 14 16.45 -0.33 -7.68
N GLY A 15 16.72 -1.52 -7.16
CA GLY A 15 15.65 -2.50 -6.98
C GLY A 15 14.90 -2.85 -8.25
N LEU A 16 13.79 -3.57 -8.08
CA LEU A 16 13.08 -4.14 -9.21
C LEU A 16 12.52 -2.99 -10.06
N THR A 17 12.03 -1.95 -9.39
CA THR A 17 11.45 -0.83 -10.11
C THR A 17 12.52 -0.04 -10.85
N GLY A 18 13.63 0.21 -10.19
CA GLY A 18 14.76 0.85 -10.85
C GLY A 18 15.25 0.03 -12.03
N LEU A 19 15.33 -1.30 -11.85
CA LEU A 19 15.73 -2.17 -12.97
C LEU A 19 14.75 -2.10 -14.14
N SER A 20 13.46 -1.93 -13.85
CA SER A 20 12.49 -1.87 -14.93
C SER A 20 12.70 -0.57 -15.70
N CYS A 21 13.11 0.50 -15.00
CA CYS A 21 13.43 1.74 -15.70
C CYS A 21 14.67 1.58 -16.58
N VAL A 22 15.68 0.90 -16.08
CA VAL A 22 16.91 0.70 -16.84
C VAL A 22 16.54 -0.07 -18.11
N ASP A 23 15.80 -1.16 -17.94
CA ASP A 23 15.38 -1.97 -19.09
C ASP A 23 14.53 -1.18 -20.10
N PHE A 24 13.64 -0.33 -19.59
CA PHE A 24 12.80 0.52 -20.44
C PHE A 24 13.66 1.38 -21.38
N PHE A 25 14.71 2.02 -20.84
CA PHE A 25 15.53 2.88 -21.64
C PHE A 25 16.44 2.11 -22.57
N LEU A 26 17.01 1.00 -22.10
CA LEU A 26 17.86 0.20 -22.98
C LEU A 26 17.07 -0.30 -24.19
N ALA A 27 15.83 -0.72 -23.98
CA ALA A 27 15.01 -1.28 -25.06
C ALA A 27 14.69 -0.23 -26.11
N ARG A 28 14.86 1.05 -25.74
CA ARG A 28 14.58 2.17 -26.61
C ARG A 28 15.86 2.81 -27.13
N GLY A 29 16.98 2.09 -26.98
CA GLY A 29 18.27 2.51 -27.51
C GLY A 29 18.86 3.68 -26.76
N VAL A 30 18.57 3.75 -25.46
CA VAL A 30 19.16 4.77 -24.58
C VAL A 30 19.83 4.07 -23.42
N THR A 31 21.12 4.35 -23.22
CA THR A 31 21.83 3.78 -22.07
C THR A 31 21.78 4.81 -20.91
N PRO A 32 21.03 4.51 -19.84
CA PRO A 32 20.96 5.45 -18.72
C PRO A 32 22.15 5.21 -17.79
N ARG A 33 22.34 6.10 -16.82
CA ARG A 33 23.25 5.83 -15.74
C ARG A 33 22.42 5.66 -14.48
N VAL A 34 22.91 4.87 -13.54
CA VAL A 34 22.13 4.57 -12.32
C VAL A 34 22.89 5.06 -11.09
N MET A 35 22.20 5.69 -10.15
CA MET A 35 22.80 5.96 -8.82
C MET A 35 21.84 5.55 -7.73
N ASP A 36 22.37 5.29 -6.54
CA ASP A 36 21.55 4.85 -5.42
C ASP A 36 22.32 5.20 -4.15
N THR A 37 21.64 5.77 -3.15
CA THR A 37 22.35 6.19 -1.94
C THR A 37 22.81 4.99 -1.12
N ARG A 38 22.25 3.83 -1.41
CA ARG A 38 22.66 2.58 -0.72
C ARG A 38 23.94 2.01 -1.34
N MET A 39 24.83 1.46 -0.52
CA MET A 39 26.10 0.95 -1.10
C MET A 39 25.91 -0.24 -2.04
N THR A 40 25.11 -1.20 -1.62
CA THR A 40 24.81 -2.31 -2.51
C THR A 40 23.30 -2.45 -2.54
N PRO A 41 22.68 -1.67 -3.41
CA PRO A 41 21.23 -1.67 -3.43
C PRO A 41 20.71 -2.98 -3.99
N PRO A 42 19.47 -3.34 -3.65
CA PRO A 42 18.79 -4.49 -4.25
C PRO A 42 18.91 -4.41 -5.76
N GLY A 43 19.27 -5.52 -6.37
CA GLY A 43 19.25 -5.65 -7.83
C GLY A 43 20.56 -5.30 -8.48
N LEU A 44 21.54 -4.89 -7.66
CA LEU A 44 22.78 -4.39 -8.22
C LEU A 44 23.41 -5.46 -9.11
N ASP A 45 23.33 -6.71 -8.66
CA ASP A 45 23.95 -7.80 -9.39
C ASP A 45 23.24 -8.12 -10.70
N LYS A 46 22.01 -7.62 -10.85
CA LYS A 46 21.25 -7.85 -12.07
C LYS A 46 21.42 -6.71 -13.08
N LEU A 47 22.14 -5.65 -12.67
CA LEU A 47 22.30 -4.52 -13.57
C LEU A 47 23.33 -4.86 -14.63
N PRO A 48 23.00 -4.67 -15.92
CA PRO A 48 24.00 -5.03 -16.94
C PRO A 48 25.29 -4.23 -16.82
N GLU A 49 26.43 -4.86 -17.10
CA GLU A 49 27.73 -4.23 -16.96
C GLU A 49 27.89 -2.97 -17.84
N ALA A 50 27.17 -2.91 -18.96
CA ALA A 50 27.26 -1.74 -19.83
C ALA A 50 26.68 -0.48 -19.16
N VAL A 51 25.89 -0.67 -18.11
CA VAL A 51 25.23 0.46 -17.46
C VAL A 51 26.13 0.99 -16.33
N GLU A 52 26.59 2.23 -16.46
CA GLU A 52 27.42 2.84 -15.42
C GLU A 52 26.56 3.06 -14.18
N ARG A 53 27.16 2.86 -13.01
CA ARG A 53 26.44 3.06 -11.77
C ARG A 53 27.37 3.69 -10.71
N HIS A 54 26.72 4.38 -9.79
CA HIS A 54 27.36 5.07 -8.69
C HIS A 54 26.53 4.76 -7.47
N THR A 55 27.10 4.12 -6.45
CA THR A 55 26.30 3.76 -5.29
C THR A 55 26.90 4.29 -3.99
N GLY A 56 26.10 4.30 -2.93
CA GLY A 56 26.52 4.84 -1.64
C GLY A 56 26.33 6.34 -1.43
N SER A 57 25.88 7.06 -2.46
CA SER A 57 25.59 8.48 -2.37
C SER A 57 24.99 8.88 -3.69
N LEU A 58 24.46 10.10 -3.78
CA LEU A 58 24.12 10.63 -5.08
C LEU A 58 25.36 11.31 -5.69
N ASN A 59 25.42 11.30 -7.00
CA ASN A 59 26.51 11.90 -7.71
C ASN A 59 26.01 13.19 -8.40
N ASP A 60 26.37 14.36 -7.86
CA ASP A 60 25.84 15.62 -8.37
C ASP A 60 26.40 15.94 -9.75
N GLU A 61 27.57 15.41 -10.07
CA GLU A 61 28.13 15.56 -11.42
C GLU A 61 27.22 14.90 -12.47
N TRP A 62 26.76 13.68 -12.16
CA TRP A 62 25.81 13.04 -13.04
C TRP A 62 24.48 13.73 -13.05
N LEU A 63 23.97 14.10 -11.88
CA LEU A 63 22.62 14.67 -11.84
C LEU A 63 22.54 15.98 -12.61
N MET A 64 23.56 16.83 -12.44
CA MET A 64 23.48 18.17 -13.01
C MET A 64 23.79 18.16 -14.50
N ALA A 65 24.25 17.00 -14.99
CA ALA A 65 24.53 16.79 -16.42
C ALA A 65 23.36 16.17 -17.14
N ALA A 66 22.36 15.73 -16.40
CA ALA A 66 21.27 14.94 -16.99
C ALA A 66 20.30 15.81 -17.79
N ASP A 67 19.73 15.24 -18.84
CA ASP A 67 18.53 15.80 -19.48
C ASP A 67 17.21 15.33 -18.80
N LEU A 68 17.26 14.16 -18.15
CA LEU A 68 16.05 13.59 -17.54
C LEU A 68 16.52 12.77 -16.34
N ILE A 69 15.89 13.02 -15.21
CA ILE A 69 16.13 12.28 -13.99
C ILE A 69 14.90 11.46 -13.68
N VAL A 70 15.12 10.16 -13.46
CA VAL A 70 13.99 9.27 -13.17
C VAL A 70 14.14 8.84 -11.72
N ALA A 71 13.31 9.42 -10.85
CA ALA A 71 13.49 9.26 -9.39
C ALA A 71 12.63 8.14 -8.84
N SER A 72 13.27 7.21 -8.11
CA SER A 72 12.52 6.20 -7.38
C SER A 72 11.61 6.87 -6.38
N PRO A 73 10.46 6.26 -6.09
CA PRO A 73 9.65 6.76 -4.98
C PRO A 73 10.39 6.74 -3.66
N GLY A 74 11.50 5.99 -3.59
CA GLY A 74 12.27 5.89 -2.36
C GLY A 74 13.26 7.01 -2.11
N ILE A 75 13.38 7.96 -3.05
CA ILE A 75 14.25 9.11 -2.81
C ILE A 75 13.40 10.35 -2.71
N ALA A 76 13.58 11.13 -1.64
CA ALA A 76 12.78 12.35 -1.52
C ALA A 76 13.10 13.41 -2.61
N LEU A 77 12.07 13.95 -3.24
CA LEU A 77 12.27 15.11 -4.12
C LEU A 77 12.93 16.26 -3.41
N ALA A 78 12.68 16.36 -2.11
CA ALA A 78 13.34 17.38 -1.29
C ALA A 78 14.82 17.16 -0.99
N HIS A 79 15.38 16.02 -1.37
CA HIS A 79 16.81 15.80 -1.18
C HIS A 79 17.52 16.97 -1.87
N PRO A 80 18.51 17.58 -1.19
CA PRO A 80 19.18 18.76 -1.73
C PRO A 80 19.68 18.57 -3.16
N SER A 81 20.17 17.38 -3.50
CA SER A 81 20.72 17.14 -4.84
C SER A 81 19.61 17.19 -5.89
N LEU A 82 18.44 16.64 -5.55
CA LEU A 82 17.30 16.69 -6.45
CA LEU A 82 17.30 16.69 -6.45
C LEU A 82 16.66 18.06 -6.56
N SER A 83 16.60 18.79 -5.45
CA SER A 83 16.06 20.13 -5.48
CA SER A 83 16.09 20.14 -5.44
C SER A 83 16.96 21.04 -6.30
N ALA A 84 18.28 20.86 -6.19
CA ALA A 84 19.22 21.61 -7.02
C ALA A 84 18.97 21.33 -8.50
N ALA A 85 18.73 20.07 -8.85
CA ALA A 85 18.51 19.74 -10.24
C ALA A 85 17.17 20.37 -10.70
N ALA A 86 16.15 20.28 -9.86
CA ALA A 86 14.85 20.89 -10.18
C ALA A 86 15.01 22.40 -10.37
N ASP A 87 15.79 23.04 -9.50
CA ASP A 87 15.99 24.48 -9.59
C ASP A 87 16.64 24.88 -10.91
N ALA A 88 17.50 23.99 -11.40
CA ALA A 88 18.14 24.15 -12.69
C ALA A 88 17.29 23.84 -13.90
N GLY A 89 16.04 23.42 -13.64
CA GLY A 89 15.11 23.13 -14.70
C GLY A 89 15.29 21.77 -15.35
N ILE A 90 16.02 20.86 -14.70
CA ILE A 90 16.17 19.50 -15.21
C ILE A 90 14.91 18.69 -14.87
N GLU A 91 14.36 18.06 -15.90
CA GLU A 91 13.08 17.37 -15.78
C GLU A 91 13.24 16.15 -14.88
N ILE A 92 12.32 15.98 -13.93
CA ILE A 92 12.34 14.84 -12.99
C ILE A 92 11.00 14.13 -13.11
N VAL A 93 11.07 12.83 -13.36
CA VAL A 93 9.87 12.01 -13.44
C VAL A 93 10.13 10.74 -12.67
N GLY A 94 9.09 9.89 -12.57
CA GLY A 94 9.31 8.54 -12.03
C GLY A 94 8.77 7.47 -12.98
N ASP A 95 8.87 6.23 -12.53
CA ASP A 95 8.45 5.11 -13.36
C ASP A 95 6.99 5.19 -13.86
N ILE A 96 6.10 5.66 -12.98
CA ILE A 96 4.69 5.78 -13.33
C ILE A 96 4.48 6.80 -14.46
N GLU A 97 5.24 7.91 -14.38
CA GLU A 97 5.17 8.90 -15.46
C GLU A 97 5.63 8.28 -16.78
N LEU A 98 6.76 7.56 -16.77
CA LEU A 98 7.22 6.91 -18.01
C LEU A 98 6.14 5.98 -18.54
N PHE A 99 5.53 5.21 -17.64
CA PHE A 99 4.47 4.26 -18.01
C PHE A 99 3.27 5.00 -18.65
N CYS A 100 2.79 6.06 -17.99
CA CYS A 100 1.60 6.79 -18.46
C CYS A 100 1.81 7.33 -19.85
N ARG A 101 3.04 7.73 -20.14
CA ARG A 101 3.32 8.34 -21.46
C ARG A 101 3.23 7.30 -22.57
N GLU A 102 3.35 6.03 -22.20
CA GLU A 102 3.37 4.94 -23.18
C GLU A 102 2.10 4.08 -23.23
N ALA A 103 1.38 4.02 -22.12
CA ALA A 103 0.30 3.04 -21.97
C ALA A 103 -0.74 3.21 -23.06
N GLN A 104 -1.21 2.09 -23.59
CA GLN A 104 -2.22 2.13 -24.69
C GLN A 104 -3.55 1.49 -24.29
N ALA A 105 -3.76 1.36 -22.98
CA ALA A 105 -5.05 0.97 -22.44
C ALA A 105 -5.42 1.87 -21.26
N PRO A 106 -6.71 1.97 -20.95
CA PRO A 106 -7.13 2.75 -19.80
C PRO A 106 -6.48 2.26 -18.51
N ILE A 107 -6.32 3.22 -17.60
CA ILE A 107 -5.71 2.96 -16.31
C ILE A 107 -6.70 3.29 -15.21
N VAL A 108 -6.93 2.32 -14.34
CA VAL A 108 -7.59 2.52 -13.05
C VAL A 108 -6.47 2.74 -12.05
N ALA A 109 -6.55 3.85 -11.29
CA ALA A 109 -5.45 4.30 -10.40
C ALA A 109 -5.96 4.37 -8.98
N ILE A 110 -5.28 3.69 -8.06
CA ILE A 110 -5.79 3.58 -6.68
C ILE A 110 -4.68 3.93 -5.70
N THR A 111 -4.98 4.89 -4.81
CA THR A 111 -4.08 5.18 -3.70
C THR A 111 -4.89 5.26 -2.40
N GLY A 112 -4.18 5.48 -1.30
CA GLY A 112 -4.83 5.57 -0.01
C GLY A 112 -3.85 5.13 1.07
N SER A 113 -4.14 5.49 2.31
CA SER A 113 -3.29 5.04 3.41
C SER A 113 -3.49 3.56 3.77
N ASN A 114 -4.70 3.05 3.58
CA ASN A 114 -5.02 1.62 3.80
CA ASN A 114 -4.97 1.62 3.73
C ASN A 114 -5.98 1.16 2.70
N GLY A 115 -5.91 -0.11 2.36
CA GLY A 115 -6.90 -0.71 1.48
C GLY A 115 -6.45 -0.73 0.03
N LYS A 116 -5.36 -0.04 -0.29
CA LYS A 116 -5.05 0.16 -1.70
C LYS A 116 -4.62 -1.11 -2.42
N SER A 117 -3.90 -1.99 -1.74
CA SER A 117 -3.54 -3.25 -2.40
C SER A 117 -4.74 -4.17 -2.59
N THR A 118 -5.63 -4.19 -1.59
CA THR A 118 -6.85 -5.03 -1.67
C THR A 118 -7.76 -4.55 -2.77
N VAL A 119 -7.94 -3.24 -2.84
CA VAL A 119 -8.84 -2.70 -3.86
C VAL A 119 -8.20 -2.88 -5.26
N THR A 120 -6.89 -2.65 -5.39
CA THR A 120 -6.22 -2.88 -6.67
C THR A 120 -6.39 -4.33 -7.13
N THR A 121 -6.18 -5.23 -6.19
CA THR A 121 -6.24 -6.66 -6.53
C THR A 121 -7.65 -7.01 -6.89
N LEU A 122 -8.61 -6.48 -6.15
CA LEU A 122 -10.03 -6.78 -6.42
C LEU A 122 -10.46 -6.31 -7.80
N VAL A 123 -10.13 -5.06 -8.16
CA VAL A 123 -10.49 -4.57 -9.49
C VAL A 123 -9.82 -5.46 -10.55
N GLY A 124 -8.59 -5.90 -10.27
CA GLY A 124 -7.87 -6.84 -11.18
C GLY A 124 -8.66 -8.14 -11.39
N GLU A 125 -9.16 -8.67 -10.28
CA GLU A 125 -10.04 -9.85 -10.35
C GLU A 125 -11.35 -9.62 -11.06
N MET A 126 -11.96 -8.43 -10.89
CA MET A 126 -13.18 -8.06 -11.60
C MET A 126 -12.93 -8.04 -13.12
N ALA A 127 -11.77 -7.51 -13.52
CA ALA A 127 -11.42 -7.49 -14.93
C ALA A 127 -11.21 -8.90 -15.45
N LYS A 128 -10.52 -9.74 -14.69
CA LYS A 128 -10.27 -11.11 -15.11
C LYS A 128 -11.56 -11.88 -15.29
N ALA A 129 -12.52 -11.64 -14.41
CA ALA A 129 -13.81 -12.32 -14.48
C ALA A 129 -14.62 -11.92 -15.70
N ALA A 130 -14.32 -10.75 -16.25
CA ALA A 130 -14.96 -10.26 -17.47
C ALA A 130 -14.25 -10.74 -18.72
N GLY A 131 -13.17 -11.48 -18.56
CA GLY A 131 -12.35 -11.94 -19.69
C GLY A 131 -11.49 -10.84 -20.29
N VAL A 132 -11.26 -9.78 -19.51
CA VAL A 132 -10.39 -8.66 -19.94
C VAL A 132 -8.90 -8.98 -19.71
N ASN A 133 -8.05 -8.70 -20.70
CA ASN A 133 -6.63 -8.92 -20.54
C ASN A 133 -6.13 -7.74 -19.70
N VAL A 134 -5.84 -8.01 -18.42
CA VAL A 134 -5.58 -6.91 -17.46
C VAL A 134 -4.17 -6.99 -16.90
N GLY A 135 -3.55 -5.83 -16.73
CA GLY A 135 -2.23 -5.76 -16.13
C GLY A 135 -2.41 -5.12 -14.78
N VAL A 136 -2.02 -5.82 -13.71
CA VAL A 136 -2.23 -5.34 -12.35
C VAL A 136 -0.87 -5.19 -11.67
N GLY A 137 -0.59 -4.02 -11.12
CA GLY A 137 0.67 -3.89 -10.41
C GLY A 137 0.88 -2.45 -9.99
N GLY A 138 2.10 -1.99 -10.18
CA GLY A 138 2.48 -0.65 -9.77
C GLY A 138 3.25 -0.80 -8.48
N ASN A 139 2.63 -0.32 -7.41
CA ASN A 139 3.29 -0.28 -6.12
C ASN A 139 3.28 -1.66 -5.46
N ILE A 140 2.46 -2.57 -5.98
CA ILE A 140 2.51 -3.98 -5.59
C ILE A 140 2.68 -4.83 -6.84
N GLY A 141 3.02 -6.11 -6.68
CA GLY A 141 3.23 -6.98 -7.84
C GLY A 141 4.33 -6.45 -8.73
N LEU A 142 4.14 -6.59 -10.05
CA LEU A 142 5.14 -6.10 -10.98
C LEU A 142 5.10 -4.57 -11.01
N PRO A 143 6.27 -3.94 -11.02
CA PRO A 143 6.37 -2.52 -11.38
C PRO A 143 5.63 -2.24 -12.68
N ALA A 144 5.03 -1.06 -12.77
CA ALA A 144 4.20 -0.71 -13.90
C ALA A 144 4.86 -0.93 -15.26
N LEU A 145 6.13 -0.55 -15.41
CA LEU A 145 6.74 -0.67 -16.73
C LEU A 145 6.88 -2.16 -17.13
N MET A 146 6.90 -3.06 -16.16
CA MET A 146 6.90 -4.51 -16.49
C MET A 146 5.56 -5.05 -17.00
N LEU A 147 4.50 -4.28 -16.80
CA LEU A 147 3.19 -4.67 -17.28
C LEU A 147 2.93 -4.19 -18.71
N LEU A 148 3.68 -3.21 -19.16
CA LEU A 148 3.41 -2.55 -20.45
C LEU A 148 3.38 -3.58 -21.57
N ASP A 149 2.23 -3.71 -22.22
CA ASP A 149 2.09 -4.70 -23.28
C ASP A 149 0.96 -4.26 -24.19
N ASP A 150 1.21 -4.22 -25.51
CA ASP A 150 0.21 -3.82 -26.52
CA ASP A 150 0.18 -3.72 -26.43
C ASP A 150 -1.08 -4.61 -26.46
N GLU A 151 -1.02 -5.80 -25.86
CA GLU A 151 -2.22 -6.65 -25.80
C GLU A 151 -3.08 -6.38 -24.57
N CYS A 152 -2.54 -5.61 -23.62
CA CYS A 152 -3.30 -5.27 -22.44
CA CYS A 152 -3.31 -5.27 -22.42
C CYS A 152 -4.49 -4.40 -22.78
N GLU A 153 -5.64 -4.71 -22.18
CA GLU A 153 -6.89 -4.01 -22.43
C GLU A 153 -7.25 -3.08 -21.27
N LEU A 154 -6.60 -3.29 -20.12
CA LEU A 154 -6.88 -2.45 -18.94
C LEU A 154 -5.67 -2.58 -18.03
N TYR A 155 -5.27 -1.47 -17.40
CA TYR A 155 -4.29 -1.55 -16.32
C TYR A 155 -4.93 -1.13 -15.03
N VAL A 156 -4.55 -1.79 -13.96
CA VAL A 156 -5.05 -1.43 -12.62
C VAL A 156 -3.79 -1.26 -11.79
N LEU A 157 -3.54 -0.01 -11.38
CA LEU A 157 -2.29 0.32 -10.71
C LEU A 157 -2.53 0.82 -9.29
N GLU A 158 -1.81 0.21 -8.35
CA GLU A 158 -1.72 0.78 -7.00
C GLU A 158 -0.62 1.81 -7.07
N LEU A 159 -0.93 3.04 -6.65
CA LEU A 159 0.04 4.12 -6.70
C LEU A 159 0.31 4.64 -5.31
N SER A 160 1.60 4.81 -4.95
CA SER A 160 1.91 5.42 -3.65
C SER A 160 1.89 6.94 -3.77
N SER A 161 1.79 7.60 -2.61
CA SER A 161 1.89 9.08 -2.60
C SER A 161 3.21 9.53 -3.27
N PHE A 162 4.29 8.77 -3.03
CA PHE A 162 5.60 9.14 -3.56
C PHE A 162 5.62 9.01 -5.07
N GLN A 163 5.02 7.94 -5.60
CA GLN A 163 4.99 7.83 -7.07
C GLN A 163 4.16 8.99 -7.67
N LEU A 164 3.07 9.34 -7.00
CA LEU A 164 2.20 10.40 -7.54
C LEU A 164 2.94 11.76 -7.61
N GLU A 165 3.82 12.02 -6.64
CA GLU A 165 4.60 13.27 -6.64
C GLU A 165 5.39 13.48 -7.92
N THR A 166 5.83 12.39 -8.57
CA THR A 166 6.65 12.52 -9.76
C THR A 166 5.88 12.23 -11.04
N THR A 167 4.55 12.17 -10.93
CA THR A 167 3.71 11.82 -12.06
C THR A 167 2.88 13.04 -12.48
N SER A 168 2.83 13.31 -13.79
CA SER A 168 2.07 14.45 -14.32
CA SER A 168 2.10 14.45 -14.35
C SER A 168 1.12 14.08 -15.46
N SER A 169 1.33 12.94 -16.10
CA SER A 169 0.59 12.60 -17.31
C SER A 169 -0.47 11.52 -17.13
N LEU A 170 -0.77 11.17 -15.88
CA LEU A 170 -1.88 10.21 -15.68
C LEU A 170 -3.23 10.84 -16.03
N GLN A 171 -4.03 10.11 -16.83
CA GLN A 171 -5.41 10.51 -17.07
C GLN A 171 -6.20 9.24 -16.83
N ALA A 172 -6.40 8.92 -15.56
CA ALA A 172 -7.03 7.64 -15.20
C ALA A 172 -8.46 7.56 -15.70
N VAL A 173 -8.88 6.40 -16.18
CA VAL A 173 -10.30 6.18 -16.44
C VAL A 173 -11.12 6.30 -15.14
N ALA A 174 -10.54 5.92 -14.00
CA ALA A 174 -11.21 6.00 -12.70
C ALA A 174 -10.06 6.08 -11.71
N ALA A 175 -10.12 7.02 -10.77
CA ALA A 175 -9.04 7.18 -9.79
C ALA A 175 -9.69 7.32 -8.42
N THR A 176 -9.10 6.71 -7.40
CA THR A 176 -9.56 6.90 -6.04
C THR A 176 -8.43 7.22 -5.07
N ILE A 177 -8.72 8.04 -4.07
CA ILE A 177 -8.01 7.97 -2.79
C ILE A 177 -8.94 7.34 -1.77
N LEU A 178 -8.54 6.18 -1.25
CA LEU A 178 -9.47 5.42 -0.42
C LEU A 178 -9.67 6.06 0.95
N ASN A 179 -8.60 6.64 1.45
CA ASN A 179 -8.63 7.26 2.79
C ASN A 179 -7.27 7.92 2.94
N VAL A 180 -7.19 8.86 3.88
CA VAL A 180 -5.91 9.48 4.20
C VAL A 180 -5.79 9.54 5.70
N THR A 181 -4.83 8.79 6.23
CA THR A 181 -4.56 8.83 7.65
C THR A 181 -3.07 8.98 7.85
N GLU A 182 -2.66 9.59 8.95
CA GLU A 182 -1.27 9.95 9.09
C GLU A 182 -0.30 8.80 8.72
N ASP A 183 0.58 9.04 7.76
CA ASP A 183 1.60 8.08 7.40
C ASP A 183 2.75 8.84 6.75
N HIS A 184 3.92 8.21 6.68
CA HIS A 184 5.06 8.73 5.91
C HIS A 184 5.46 10.13 6.37
N MET A 185 5.24 10.46 7.63
CA MET A 185 5.56 11.80 8.10
C MET A 185 7.05 12.10 8.03
N ASP A 186 7.89 11.05 8.03
CA ASP A 186 9.33 11.23 7.81
C ASP A 186 9.64 11.82 6.44
N ARG A 187 8.70 11.71 5.51
CA ARG A 187 8.87 12.17 4.15
C ARG A 187 8.04 13.43 3.84
N TYR A 188 7.24 13.90 4.83
CA TYR A 188 6.33 15.02 4.60
C TYR A 188 6.46 16.02 5.75
N PRO A 189 7.47 16.87 5.67
CA PRO A 189 7.72 17.78 6.79
C PRO A 189 6.74 18.94 6.86
N PHE A 190 5.84 19.07 5.88
CA PHE A 190 4.66 19.93 6.02
C PHE A 190 3.42 19.15 6.40
N GLY A 191 3.66 17.96 6.93
CA GLY A 191 2.64 17.24 7.67
C GLY A 191 1.49 16.67 6.86
N LEU A 192 0.34 16.52 7.51
CA LEU A 192 -0.76 15.73 6.95
C LEU A 192 -1.27 16.30 5.61
N GLN A 193 -1.40 17.62 5.53
CA GLN A 193 -1.89 18.21 4.30
C GLN A 193 -0.92 18.05 3.13
N GLN A 194 0.39 17.98 3.41
CA GLN A 194 1.34 17.77 2.35
C GLN A 194 1.20 16.34 1.78
N TYR A 195 1.13 15.39 2.69
CA TYR A 195 0.88 14.00 2.31
C TYR A 195 -0.44 13.89 1.50
N ARG A 196 -1.52 14.49 2.00
CA ARG A 196 -2.79 14.50 1.27
C ARG A 196 -2.62 15.07 -0.12
N ALA A 197 -1.92 16.20 -0.19
CA ALA A 197 -1.74 16.86 -1.48
C ALA A 197 -1.08 15.96 -2.52
N ALA A 198 -0.10 15.16 -2.09
CA ALA A 198 0.54 14.20 -3.02
C ALA A 198 -0.51 13.23 -3.54
N LEU A 200 -3.83 13.67 -3.71
CA LEU A 200 -4.79 14.42 -4.53
C LEU A 200 -4.40 14.55 -5.99
N ARG A 201 -3.10 14.46 -6.28
CA ARG A 201 -2.63 14.43 -7.66
C ARG A 201 -3.31 13.36 -8.51
N ILE A 202 -3.77 12.27 -7.89
CA ILE A 202 -4.27 11.14 -8.67
C ILE A 202 -5.54 11.50 -9.44
N TYR A 203 -6.24 12.54 -8.99
CA TYR A 203 -7.51 12.92 -9.59
C TYR A 203 -7.35 13.81 -10.81
N GLU A 204 -6.16 14.38 -10.99
CA GLU A 204 -5.94 15.34 -12.09
CA GLU A 204 -5.95 15.35 -12.09
C GLU A 204 -6.15 14.66 -13.43
N ASN A 205 -7.09 15.20 -14.23
CA ASN A 205 -7.40 14.63 -15.54
C ASN A 205 -7.99 13.24 -15.49
N ALA A 206 -8.47 12.83 -14.32
CA ALA A 206 -9.20 11.56 -14.23
C ALA A 206 -10.59 11.72 -14.83
N LYS A 207 -11.03 10.71 -15.58
CA LYS A 207 -12.38 10.74 -16.18
CA LYS A 207 -12.36 10.74 -16.18
C LYS A 207 -13.45 10.59 -15.11
N VAL A 208 -13.20 9.71 -14.13
CA VAL A 208 -14.09 9.58 -12.98
C VAL A 208 -13.23 9.60 -11.73
N CYS A 209 -13.65 10.37 -10.72
CA CYS A 209 -13.02 10.32 -9.41
CA CYS A 209 -13.02 10.31 -9.40
C CYS A 209 -13.97 9.65 -8.45
N VAL A 210 -13.41 8.76 -7.62
CA VAL A 210 -14.15 7.98 -6.66
C VAL A 210 -13.59 8.35 -5.28
N VAL A 211 -14.46 8.93 -4.44
CA VAL A 211 -14.04 9.43 -3.14
C VAL A 211 -14.74 8.68 -2.01
N ASN A 212 -14.16 8.79 -0.82
CA ASN A 212 -14.71 8.18 0.38
C ASN A 212 -15.61 9.19 1.05
N ALA A 213 -16.92 8.93 1.02
CA ALA A 213 -17.88 9.83 1.65
C ALA A 213 -17.61 10.00 3.13
N ASP A 214 -16.92 9.06 3.77
CA ASP A 214 -16.67 9.15 5.21
C ASP A 214 -15.32 9.77 5.55
N ASP A 215 -14.57 10.19 4.53
CA ASP A 215 -13.23 10.72 4.75
C ASP A 215 -13.00 11.95 3.89
N ALA A 216 -13.23 13.12 4.50
CA ALA A 216 -13.24 14.38 3.79
C ALA A 216 -11.90 14.64 3.11
N LEU A 217 -10.83 14.05 3.65
CA LEU A 217 -9.51 14.30 3.07
C LEU A 217 -9.34 13.63 1.68
N THR A 218 -10.20 12.65 1.36
CA THR A 218 -10.17 12.05 0.01
C THR A 218 -10.79 12.90 -1.09
N MET A 219 -11.40 14.01 -0.70
CA MET A 219 -12.12 14.81 -1.68
CA MET A 219 -12.14 14.84 -1.66
C MET A 219 -11.21 15.87 -2.26
N PRO A 220 -11.30 16.09 -3.58
CA PRO A 220 -10.57 17.19 -4.20
C PRO A 220 -10.82 18.52 -3.47
N ILE A 221 -9.85 19.43 -3.56
CA ILE A 221 -9.96 20.70 -2.84
C ILE A 221 -11.01 21.66 -3.42
N ARG A 222 -11.17 21.69 -4.74
CA ARG A 222 -12.42 22.14 -5.34
C ARG A 222 -13.56 21.13 -5.13
N ARG A 227 -19.00 16.25 -10.41
CA ARG A 227 -18.47 15.82 -9.12
C ARG A 227 -17.97 14.37 -9.12
N CYS A 228 -17.44 13.95 -7.99
CA CYS A 228 -16.94 12.59 -7.83
C CYS A 228 -18.04 11.63 -7.47
N VAL A 229 -17.86 10.39 -7.87
CA VAL A 229 -18.63 9.28 -7.35
C VAL A 229 -18.13 8.98 -5.92
N SER A 230 -19.03 8.57 -5.06
CA SER A 230 -18.64 8.29 -3.68
C SER A 230 -18.98 6.90 -3.22
N PHE A 231 -18.22 6.42 -2.25
CA PHE A 231 -18.59 5.25 -1.48
C PHE A 231 -18.52 5.55 0.01
N GLY A 232 -19.31 4.82 0.78
CA GLY A 232 -19.24 5.00 2.22
C GLY A 232 -20.05 3.96 2.93
N VAL A 233 -20.20 4.14 4.24
CA VAL A 233 -20.90 3.15 5.03
C VAL A 233 -22.41 3.45 5.02
N ASN A 234 -22.78 4.62 5.52
CA ASN A 234 -24.20 4.94 5.64
C ASN A 234 -24.63 5.93 4.57
N MET A 235 -23.65 6.44 3.83
CA MET A 235 -23.95 7.38 2.76
C MET A 235 -22.97 7.14 1.63
N GLY A 236 -23.24 7.77 0.49
CA GLY A 236 -22.46 7.54 -0.74
C GLY A 236 -23.30 6.96 -1.87
N ASP A 237 -22.84 7.16 -3.10
CA ASP A 237 -23.45 6.49 -4.23
C ASP A 237 -23.40 4.99 -4.07
N TYR A 238 -22.26 4.50 -3.58
CA TYR A 238 -22.06 3.09 -3.21
C TYR A 238 -21.99 3.02 -1.70
N HIS A 239 -22.85 2.21 -1.08
CA HIS A 239 -22.88 2.22 0.39
C HIS A 239 -23.44 0.92 0.90
N LEU A 240 -23.47 0.78 2.23
CA LEU A 240 -23.90 -0.47 2.84
C LEU A 240 -25.30 -0.32 3.41
N ASN A 241 -26.07 -1.40 3.37
CA ASN A 241 -27.45 -1.43 3.89
C ASN A 241 -27.48 -2.55 4.90
N HIS A 242 -27.64 -2.21 6.18
CA HIS A 242 -27.70 -3.22 7.22
C HIS A 242 -29.14 -3.69 7.43
N GLN A 243 -29.29 -5.01 7.48
CA GLN A 243 -30.58 -5.68 7.46
C GLN A 243 -30.53 -6.77 8.52
N GLN A 244 -30.64 -6.34 9.78
CA GLN A 244 -30.71 -7.25 10.96
C GLN A 244 -29.79 -8.48 10.89
N GLY A 245 -28.56 -8.32 11.38
CA GLY A 245 -27.53 -9.36 11.27
C GLY A 245 -26.76 -9.34 9.96
N GLU A 246 -27.40 -8.85 8.91
CA GLU A 246 -26.88 -8.97 7.54
C GLU A 246 -26.45 -7.62 6.95
N THR A 247 -25.53 -7.65 6.00
CA THR A 247 -25.08 -6.45 5.33
C THR A 247 -25.15 -6.65 3.82
N TRP A 248 -25.59 -5.62 3.13
CA TRP A 248 -25.62 -5.60 1.67
C TRP A 248 -24.77 -4.48 1.12
N LEU A 249 -24.09 -4.73 0.02
CA LEU A 249 -23.62 -3.66 -0.86
C LEU A 249 -24.78 -3.14 -1.67
N ARG A 250 -24.90 -1.81 -1.72
CA ARG A 250 -25.92 -1.14 -2.52
C ARG A 250 -25.31 -0.10 -3.43
N VAL A 251 -25.97 0.13 -4.56
CA VAL A 251 -25.60 1.24 -5.43
C VAL A 251 -26.86 2.08 -5.58
N LYS A 252 -26.79 3.33 -5.16
CA LYS A 252 -27.93 4.26 -5.32
C LYS A 252 -29.26 3.63 -4.90
N GLY A 253 -29.28 2.95 -3.77
CA GLY A 253 -30.56 2.46 -3.25
C GLY A 253 -30.84 1.00 -3.63
N GLU A 254 -30.13 0.50 -4.62
CA GLU A 254 -30.39 -0.85 -5.13
C GLU A 254 -29.41 -1.86 -4.52
N LYS A 255 -29.95 -2.93 -3.94
CA LYS A 255 -29.11 -4.02 -3.45
C LYS A 255 -28.40 -4.71 -4.61
N VAL A 256 -27.09 -4.91 -4.47
CA VAL A 256 -26.31 -5.63 -5.49
C VAL A 256 -25.59 -6.88 -4.96
N LEU A 257 -25.32 -6.92 -3.66
CA LEU A 257 -24.69 -8.11 -3.10
C LEU A 257 -24.84 -8.24 -1.61
N ASN A 258 -25.29 -9.41 -1.16
CA ASN A 258 -25.34 -9.72 0.27
C ASN A 258 -23.91 -10.21 0.63
N VAL A 259 -23.30 -9.57 1.62
CA VAL A 259 -21.89 -9.81 1.85
C VAL A 259 -21.64 -11.22 2.38
N LYS A 260 -22.68 -11.95 2.73
CA LYS A 260 -22.44 -13.36 3.07
C LYS A 260 -21.82 -14.13 1.91
N GLU A 261 -21.94 -13.60 0.69
CA GLU A 261 -21.40 -14.30 -0.49
C GLU A 261 -19.90 -14.02 -0.66
N MET A 262 -19.41 -13.04 0.09
CA MET A 262 -17.99 -12.65 0.05
C MET A 262 -17.19 -13.58 0.96
N LYS A 263 -15.95 -13.83 0.58
CA LYS A 263 -15.00 -14.51 1.46
C LYS A 263 -14.37 -13.54 2.47
N LEU A 264 -14.16 -12.29 2.08
CA LEU A 264 -13.70 -11.26 3.01
C LEU A 264 -14.82 -10.87 3.98
N SER A 265 -14.44 -10.49 5.19
CA SER A 265 -15.40 -10.01 6.19
CA SER A 265 -15.39 -10.01 6.19
C SER A 265 -14.94 -8.70 6.82
N GLY A 266 -15.84 -8.05 7.55
CA GLY A 266 -15.52 -6.79 8.20
C GLY A 266 -15.86 -5.55 7.40
N GLN A 267 -16.38 -4.54 8.10
CA GLN A 267 -16.80 -3.31 7.47
C GLN A 267 -15.77 -2.72 6.47
N HIS A 268 -14.49 -2.63 6.84
CA HIS A 268 -13.62 -1.89 5.92
C HIS A 268 -13.36 -2.74 4.67
N ASN A 269 -13.46 -4.05 4.77
CA ASN A 269 -13.44 -4.87 3.57
C ASN A 269 -14.68 -4.66 2.71
N TYR A 270 -15.83 -4.49 3.35
CA TYR A 270 -17.03 -4.14 2.59
C TYR A 270 -16.91 -2.78 1.91
N THR A 271 -16.28 -1.80 2.56
CA THR A 271 -16.10 -0.53 1.84
C THR A 271 -15.00 -0.62 0.77
N ASN A 272 -14.02 -1.49 0.96
CA ASN A 272 -13.05 -1.75 -0.12
C ASN A 272 -13.79 -2.39 -1.29
N ALA A 273 -14.74 -3.28 -1.01
CA ALA A 273 -15.55 -3.89 -2.08
C ALA A 273 -16.35 -2.83 -2.85
N LEU A 274 -16.99 -1.89 -2.13
CA LEU A 274 -17.72 -0.79 -2.77
C LEU A 274 -16.81 0.04 -3.66
N ALA A 275 -15.62 0.39 -3.14
CA ALA A 275 -14.73 1.24 -3.91
C ALA A 275 -14.26 0.49 -5.18
N ALA A 276 -13.98 -0.80 -5.03
CA ALA A 276 -13.56 -1.60 -6.20
C ALA A 276 -14.69 -1.64 -7.23
N LEU A 277 -15.93 -1.79 -6.76
CA LEU A 277 -17.05 -1.87 -7.67
C LEU A 277 -17.25 -0.52 -8.34
N ALA A 278 -17.09 0.57 -7.59
CA ALA A 278 -17.24 1.88 -8.23
C ALA A 278 -16.19 2.04 -9.34
N LEU A 279 -14.96 1.66 -9.05
CA LEU A 279 -13.92 1.80 -10.07
C LEU A 279 -14.20 0.92 -11.27
N ALA A 280 -14.60 -0.32 -11.00
CA ALA A 280 -14.87 -1.29 -12.09
C ALA A 280 -16.02 -0.78 -12.97
N ASP A 281 -17.04 -0.22 -12.34
CA ASP A 281 -18.20 0.29 -13.07
C ASP A 281 -17.72 1.45 -13.95
N ALA A 282 -16.91 2.33 -13.37
CA ALA A 282 -16.42 3.50 -14.12
C ALA A 282 -15.51 3.11 -15.28
N ALA A 283 -14.80 2.00 -15.11
CA ALA A 283 -13.91 1.48 -16.16
C ALA A 283 -14.70 0.74 -17.22
N GLY A 284 -16.02 0.62 -17.05
CA GLY A 284 -16.80 -0.09 -18.06
C GLY A 284 -16.85 -1.60 -17.96
N LEU A 285 -16.42 -2.16 -16.83
CA LEU A 285 -16.53 -3.61 -16.61
C LEU A 285 -17.97 -4.05 -16.34
N PRO A 286 -18.38 -5.21 -16.86
CA PRO A 286 -19.74 -5.63 -16.61
C PRO A 286 -19.98 -5.88 -15.12
N ARG A 287 -21.10 -5.36 -14.62
CA ARG A 287 -21.35 -5.32 -13.20
C ARG A 287 -21.48 -6.77 -12.69
N ALA A 288 -22.12 -7.62 -13.48
CA ALA A 288 -22.28 -9.02 -13.12
C ALA A 288 -20.99 -9.79 -12.83
N SER A 289 -19.99 -9.68 -13.72
CA SER A 289 -18.72 -10.35 -13.51
C SER A 289 -17.95 -9.69 -12.35
N SER A 290 -18.18 -8.40 -12.15
CA SER A 290 -17.51 -7.72 -11.03
C SER A 290 -18.00 -8.25 -9.68
N LEU A 291 -19.30 -8.50 -9.59
CA LEU A 291 -19.89 -9.03 -8.36
C LEU A 291 -19.38 -10.44 -8.14
N LYS A 292 -19.28 -11.21 -9.21
CA LYS A 292 -18.78 -12.57 -9.09
C LYS A 292 -17.36 -12.60 -8.48
N ALA A 293 -16.51 -11.68 -8.96
CA ALA A 293 -15.18 -11.58 -8.42
C ALA A 293 -15.16 -11.26 -6.93
N LEU A 294 -16.12 -10.47 -6.48
CA LEU A 294 -16.22 -10.17 -5.05
C LEU A 294 -16.45 -11.42 -4.22
N THR A 295 -17.11 -12.41 -4.83
CA THR A 295 -17.39 -13.65 -4.13
C THR A 295 -16.22 -14.65 -4.05
N THR A 296 -15.27 -14.54 -4.97
CA THR A 296 -14.19 -15.52 -5.07
C THR A 296 -12.90 -15.02 -4.44
N PHE A 297 -12.80 -13.71 -4.28
CA PHE A 297 -11.54 -13.11 -3.76
C PHE A 297 -11.26 -13.48 -2.30
N THR A 298 -10.08 -14.04 -2.00
CA THR A 298 -9.83 -14.54 -0.65
C THR A 298 -8.98 -13.65 0.23
N GLY A 299 -8.43 -12.60 -0.36
CA GLY A 299 -7.65 -11.67 0.46
C GLY A 299 -6.19 -11.82 0.08
N LEU A 300 -5.36 -10.92 0.61
CA LEU A 300 -3.93 -10.91 0.31
C LEU A 300 -3.16 -11.51 1.48
N PRO A 301 -2.00 -12.13 1.23
CA PRO A 301 -1.09 -12.51 2.32
C PRO A 301 -0.70 -11.31 3.19
N HIS A 302 -0.55 -11.53 4.48
CA HIS A 302 -0.14 -10.49 5.41
C HIS A 302 -1.20 -9.47 5.72
N ARG A 303 -2.41 -9.64 5.16
CA ARG A 303 -3.50 -8.72 5.47
CA ARG A 303 -3.56 -8.75 5.44
C ARG A 303 -4.54 -9.45 6.33
N PHE A 304 -4.45 -9.20 7.64
CA PHE A 304 -5.27 -9.93 8.61
C PHE A 304 -5.44 -11.42 8.25
N GLU A 305 -4.31 -12.07 8.05
CA GLU A 305 -4.29 -13.41 7.51
C GLU A 305 -4.18 -14.41 8.66
N VAL A 306 -5.14 -15.33 8.75
CA VAL A 306 -5.01 -16.37 9.78
C VAL A 306 -3.94 -17.36 9.33
N VAL A 307 -2.81 -17.39 10.03
CA VAL A 307 -1.75 -18.31 9.65
C VAL A 307 -1.79 -19.62 10.42
N LEU A 308 -2.42 -19.60 11.59
CA LEU A 308 -2.66 -20.81 12.35
C LEU A 308 -3.92 -20.64 13.20
N GLU A 309 -4.83 -21.60 13.11
CA GLU A 309 -5.91 -21.69 14.09
C GLU A 309 -5.87 -23.07 14.69
N HIS A 310 -5.40 -23.14 15.93
CA HIS A 310 -5.09 -24.44 16.52
C HIS A 310 -5.17 -24.34 18.05
N ASN A 311 -5.66 -25.41 18.68
CA ASN A 311 -5.74 -25.47 20.15
C ASN A 311 -6.45 -24.28 20.77
N GLY A 312 -7.43 -23.74 20.05
CA GLY A 312 -8.26 -22.66 20.55
C GLY A 312 -7.67 -21.27 20.42
N VAL A 313 -6.58 -21.17 19.63
CA VAL A 313 -5.84 -19.90 19.47
C VAL A 313 -5.74 -19.56 18.00
N ARG A 314 -6.12 -18.32 17.67
CA ARG A 314 -5.93 -17.80 16.32
CA ARG A 314 -5.93 -17.80 16.32
C ARG A 314 -4.69 -16.92 16.28
N TRP A 315 -3.78 -17.26 15.38
CA TRP A 315 -2.57 -16.46 15.16
C TRP A 315 -2.74 -15.72 13.83
N ILE A 316 -2.75 -14.39 13.89
CA ILE A 316 -3.16 -13.58 12.74
CA ILE A 316 -3.15 -13.58 12.74
C ILE A 316 -1.99 -12.71 12.28
N ASN A 317 -1.60 -12.90 11.03
CA ASN A 317 -0.53 -12.11 10.42
C ASN A 317 -1.14 -10.91 9.73
N ASP A 318 -1.04 -9.74 10.37
CA ASP A 318 -1.45 -8.48 9.74
C ASP A 318 -0.21 -7.60 9.59
N SER A 319 0.89 -8.22 9.14
CA SER A 319 2.13 -7.49 8.95
C SER A 319 2.02 -6.31 7.95
N LYS A 320 1.05 -6.42 7.06
CA LYS A 320 0.86 -5.31 6.12
C LYS A 320 0.37 -4.01 6.82
N ALA A 321 -0.08 -4.10 8.07
CA ALA A 321 -0.39 -2.91 8.87
C ALA A 321 0.87 -2.14 9.23
N THR A 322 1.22 -1.18 8.39
CA THR A 322 2.45 -0.43 8.55
C THR A 322 2.19 1.01 8.98
N ASN A 323 0.92 1.33 9.27
CA ASN A 323 0.57 2.61 9.88
C ASN A 323 -0.54 2.45 10.91
N VAL A 324 -0.78 3.54 11.66
CA VAL A 324 -1.75 3.52 12.73
C VAL A 324 -3.15 3.26 12.23
N GLY A 325 -3.51 3.85 11.09
CA GLY A 325 -4.87 3.66 10.51
C GLY A 325 -5.15 2.19 10.21
N SER A 326 -4.12 1.49 9.75
CA SER A 326 -4.31 0.09 9.40
C SER A 326 -4.49 -0.75 10.65
N THR A 327 -3.69 -0.51 11.68
CA THR A 327 -3.91 -1.21 12.95
C THR A 327 -5.27 -0.88 13.54
N GLU A 328 -5.68 0.37 13.45
CA GLU A 328 -7.03 0.75 13.91
C GLU A 328 -8.09 -0.08 13.21
N ALA A 329 -7.91 -0.30 11.91
CA ALA A 329 -8.87 -1.12 11.15
C ALA A 329 -8.91 -2.59 11.61
N ALA A 330 -7.77 -3.10 12.06
CA ALA A 330 -7.73 -4.47 12.58
C ALA A 330 -8.44 -4.52 13.93
N LEU A 331 -8.26 -3.47 14.75
CA LEU A 331 -8.73 -3.50 16.16
C LEU A 331 -10.17 -3.02 16.34
N ASN A 332 -10.64 -2.16 15.43
CA ASN A 332 -11.97 -1.57 15.56
C ASN A 332 -13.03 -2.63 15.32
N GLY A 333 -13.79 -2.91 16.36
CA GLY A 333 -14.83 -3.94 16.33
C GLY A 333 -14.34 -5.38 16.48
N LEU A 334 -13.07 -5.54 16.87
CA LEU A 334 -12.45 -6.86 16.87
C LEU A 334 -13.08 -7.66 17.99
N HIS A 335 -13.49 -8.90 17.69
CA HIS A 335 -13.97 -9.80 18.73
C HIS A 335 -12.91 -10.80 19.17
N VAL A 336 -12.62 -10.84 20.46
CA VAL A 336 -11.68 -11.81 21.03
C VAL A 336 -12.31 -12.48 22.25
N ASP A 337 -12.28 -13.80 22.31
CA ASP A 337 -13.00 -14.49 23.39
C ASP A 337 -12.24 -14.35 24.71
N GLY A 338 -10.92 -14.51 24.62
CA GLY A 338 -10.05 -14.46 25.77
C GLY A 338 -9.20 -13.20 25.71
N THR A 339 -7.89 -13.38 25.69
CA THR A 339 -6.96 -12.28 25.68
C THR A 339 -6.42 -12.02 24.28
N LEU A 340 -6.33 -10.73 23.93
CA LEU A 340 -5.63 -10.33 22.72
C LEU A 340 -4.16 -10.05 23.05
N HIS A 341 -3.26 -10.79 22.39
CA HIS A 341 -1.81 -10.55 22.49
C HIS A 341 -1.38 -9.85 21.24
N LEU A 342 -1.17 -8.54 21.36
CA LEU A 342 -0.97 -7.66 20.21
C LEU A 342 0.49 -7.31 20.08
N LEU A 343 1.04 -7.60 18.90
CA LEU A 343 2.42 -7.25 18.64
C LEU A 343 2.50 -5.93 17.86
N LEU A 344 3.26 -4.99 18.43
CA LEU A 344 3.41 -3.63 17.87
C LEU A 344 4.89 -3.36 17.75
N GLY A 345 5.30 -2.76 16.65
CA GLY A 345 6.69 -2.31 16.60
C GLY A 345 7.34 -2.22 15.25
N GLY A 346 8.54 -1.63 15.26
CA GLY A 346 9.27 -1.29 14.04
C GLY A 346 9.52 0.20 13.98
N ASP A 347 9.59 0.74 12.77
CA ASP A 347 9.82 2.16 12.53
C ASP A 347 8.49 2.84 12.25
N GLY A 348 8.02 3.61 13.24
CA GLY A 348 6.70 4.24 13.15
C GLY A 348 6.67 5.52 12.36
N LYS A 349 7.82 5.91 11.78
CA LYS A 349 7.86 7.05 10.85
C LYS A 349 7.35 8.34 11.47
N SER A 350 7.61 8.51 12.76
CA SER A 350 7.20 9.70 13.50
C SER A 350 5.69 9.81 13.69
N ALA A 351 4.94 8.73 13.49
CA ALA A 351 3.48 8.80 13.70
C ALA A 351 3.10 9.02 15.16
N ASP A 352 1.95 9.66 15.36
CA ASP A 352 1.30 9.66 16.66
C ASP A 352 0.55 8.34 16.83
N PHE A 353 1.01 7.51 17.78
CA PHE A 353 0.38 6.22 18.06
C PHE A 353 -0.86 6.34 18.98
N SER A 354 -1.12 7.54 19.52
CA SER A 354 -2.17 7.71 20.53
CA SER A 354 -2.16 7.67 20.54
C SER A 354 -3.55 7.22 20.10
N PRO A 355 -3.89 7.37 18.80
CA PRO A 355 -5.24 6.90 18.41
C PRO A 355 -5.49 5.41 18.67
N LEU A 356 -4.44 4.64 18.95
CA LEU A 356 -4.61 3.23 19.21
C LEU A 356 -5.09 3.01 20.65
N ALA A 357 -4.79 3.96 21.54
CA ALA A 357 -5.00 3.70 22.97
C ALA A 357 -6.46 3.41 23.28
N ARG A 358 -7.39 3.98 22.51
CA ARG A 358 -8.82 3.76 22.76
C ARG A 358 -9.27 2.32 22.58
N TYR A 359 -8.46 1.52 21.88
CA TYR A 359 -8.77 0.09 21.67
C TYR A 359 -8.10 -0.81 22.69
N LEU A 360 -7.32 -0.24 23.61
CA LEU A 360 -6.44 -1.04 24.43
C LEU A 360 -6.81 -1.08 25.91
N ASN A 361 -8.05 -0.68 26.23
CA ASN A 361 -8.56 -0.80 27.60
C ASN A 361 -9.10 -2.18 27.89
N GLY A 362 -9.50 -2.39 29.14
CA GLY A 362 -10.08 -3.65 29.55
C GLY A 362 -9.01 -4.58 30.08
N ASP A 363 -9.45 -5.74 30.56
CA ASP A 363 -8.56 -6.68 31.21
C ASP A 363 -8.05 -7.75 30.24
N ASN A 364 -8.44 -7.65 28.97
CA ASN A 364 -8.20 -8.75 28.03
C ASN A 364 -7.21 -8.36 26.90
N VAL A 365 -6.32 -7.41 27.19
CA VAL A 365 -5.28 -6.96 26.21
C VAL A 365 -3.88 -7.00 26.80
N ARG A 366 -2.95 -7.58 26.06
CA ARG A 366 -1.52 -7.50 26.36
C ARG A 366 -0.74 -7.01 25.13
N LEU A 367 0.23 -6.14 25.38
CA LEU A 367 1.00 -5.57 24.29
C LEU A 367 2.40 -6.10 24.36
N TYR A 368 2.93 -6.43 23.19
CA TYR A 368 4.32 -6.87 23.09
C TYR A 368 4.99 -6.03 22.03
N CYS A 369 5.93 -5.19 22.47
CA CYS A 369 6.31 -4.03 21.66
C CYS A 369 7.80 -4.16 21.34
N PHE A 370 8.16 -4.01 20.08
CA PHE A 370 9.56 -4.30 19.67
C PHE A 370 10.06 -3.31 18.63
N GLY A 371 11.32 -3.48 18.20
CA GLY A 371 11.86 -2.69 17.13
C GLY A 371 12.17 -1.25 17.57
N ARG A 372 12.40 -0.40 16.58
CA ARG A 372 12.89 0.96 16.83
C ARG A 372 12.03 1.73 17.82
N ASP A 373 10.71 1.69 17.62
CA ASP A 373 9.81 2.51 18.38
C ASP A 373 9.11 1.72 19.47
N GLY A 374 9.73 0.60 19.87
CA GLY A 374 9.12 -0.27 20.87
C GLY A 374 8.72 0.48 22.13
N ALA A 375 9.58 1.36 22.63
CA ALA A 375 9.28 1.99 23.91
C ALA A 375 8.07 2.92 23.77
N GLN A 376 7.95 3.63 22.65
CA GLN A 376 6.85 4.59 22.44
C GLN A 376 5.53 3.83 22.36
N LEU A 377 5.60 2.65 21.76
CA LEU A 377 4.42 1.80 21.68
C LEU A 377 4.01 1.23 23.04
N ALA A 378 4.98 0.75 23.82
CA ALA A 378 4.67 0.28 25.18
C ALA A 378 4.04 1.38 26.04
N ALA A 379 4.44 2.61 25.79
CA ALA A 379 3.89 3.78 26.49
C ALA A 379 2.38 4.01 26.30
N LEU A 380 1.78 3.35 25.31
CA LEU A 380 0.34 3.50 25.10
C LEU A 380 -0.42 2.99 26.31
N ARG A 381 0.09 1.91 26.91
CA ARG A 381 -0.47 1.37 28.14
C ARG A 381 0.55 0.52 28.88
N PRO A 382 1.47 1.17 29.61
CA PRO A 382 2.63 0.49 30.18
C PRO A 382 2.24 -0.71 31.06
N GLU A 383 1.11 -0.62 31.76
CA GLU A 383 0.76 -1.68 32.74
C GLU A 383 0.46 -3.03 32.09
N VAL A 384 0.15 -3.04 30.80
CA VAL A 384 -0.11 -4.30 30.11
C VAL A 384 0.91 -4.59 29.00
N ALA A 385 2.01 -3.83 29.01
CA ALA A 385 3.00 -3.90 27.94
C ALA A 385 4.32 -4.51 28.34
N GLU A 386 4.93 -5.21 27.39
CA GLU A 386 6.29 -5.70 27.51
C GLU A 386 7.05 -5.19 26.30
N GLN A 387 8.33 -4.87 26.47
CA GLN A 387 9.13 -4.40 25.36
C GLN A 387 10.29 -5.36 25.14
N THR A 388 10.58 -5.68 23.88
CA THR A 388 11.72 -6.52 23.55
C THR A 388 12.45 -5.86 22.41
N GLU A 389 13.64 -6.34 22.08
CA GLU A 389 14.34 -5.83 20.89
CA GLU A 389 14.34 -5.82 20.90
C GLU A 389 13.66 -6.30 19.60
N THR A 390 13.44 -7.60 19.50
CA THR A 390 12.97 -8.17 18.26
C THR A 390 11.58 -8.82 18.37
N MET A 391 10.97 -9.01 17.22
CA MET A 391 9.67 -9.67 17.14
C MET A 391 9.76 -11.12 17.63
N GLU A 392 10.85 -11.80 17.28
CA GLU A 392 11.03 -13.18 17.78
C GLU A 392 11.07 -13.24 19.30
N GLN A 393 11.80 -12.33 19.93
CA GLN A 393 11.77 -12.24 21.39
C GLN A 393 10.37 -12.02 21.93
N ALA A 394 9.63 -11.11 21.30
CA ALA A 394 8.26 -10.86 21.74
C ALA A 394 7.38 -12.10 21.62
N MET A 395 7.52 -12.83 20.51
CA MET A 395 6.71 -14.04 20.29
CA MET A 395 6.69 -14.01 20.33
C MET A 395 7.04 -15.08 21.34
N ARG A 396 8.32 -15.26 21.60
CA ARG A 396 8.73 -16.26 22.58
C ARG A 396 8.33 -15.85 23.99
N LEU A 397 8.24 -14.55 24.24
CA LEU A 397 7.73 -14.04 25.53
C LEU A 397 6.23 -14.31 25.69
N LEU A 398 5.45 -14.03 24.64
CA LEU A 398 4.01 -14.13 24.75
C LEU A 398 3.49 -15.57 24.70
N ALA A 399 4.17 -16.43 23.97
CA ALA A 399 3.62 -17.75 23.65
C ALA A 399 3.26 -18.56 24.91
N PRO A 400 4.12 -18.55 25.93
CA PRO A 400 3.77 -19.33 27.13
C PRO A 400 2.49 -18.83 27.80
N ARG A 401 2.16 -17.54 27.58
CA ARG A 401 0.97 -16.94 28.21
C ARG A 401 -0.33 -17.17 27.44
N VAL A 402 -0.23 -17.76 26.24
CA VAL A 402 -1.42 -17.85 25.40
C VAL A 402 -2.32 -18.98 25.91
N GLN A 403 -3.62 -18.70 26.06
CA GLN A 403 -4.59 -19.68 26.55
C GLN A 403 -5.63 -19.93 25.46
N PRO A 404 -6.29 -21.09 25.48
CA PRO A 404 -7.40 -21.32 24.54
C PRO A 404 -8.41 -20.19 24.63
N GLY A 405 -8.83 -19.71 23.45
CA GLY A 405 -9.73 -18.55 23.37
C GLY A 405 -9.01 -17.26 23.00
N ASP A 406 -7.69 -17.25 23.15
CA ASP A 406 -6.88 -16.05 22.89
C ASP A 406 -6.64 -15.83 21.39
N MET A 407 -6.21 -14.60 21.07
CA MET A 407 -5.77 -14.27 19.72
C MET A 407 -4.38 -13.72 19.81
N VAL A 408 -3.50 -14.10 18.89
CA VAL A 408 -2.21 -13.44 18.79
C VAL A 408 -2.23 -12.67 17.48
N LEU A 409 -2.08 -11.35 17.56
CA LEU A 409 -2.26 -10.48 16.38
C LEU A 409 -0.99 -9.69 16.13
N LEU A 410 -0.31 -9.96 15.00
CA LEU A 410 0.77 -9.06 14.55
C LEU A 410 0.13 -7.97 13.68
N SER A 411 0.00 -6.77 14.23
CA SER A 411 -0.55 -5.65 13.43
C SER A 411 0.22 -4.41 13.88
N PRO A 412 1.43 -4.25 13.34
CA PRO A 412 2.47 -3.59 14.11
C PRO A 412 2.43 -2.06 14.08
N ALA A 413 1.62 -1.49 13.18
CA ALA A 413 1.44 -0.03 13.02
C ALA A 413 2.64 0.73 12.51
N CYS A 414 3.65 -0.01 12.04
CA CYS A 414 4.97 0.57 11.73
C CYS A 414 5.55 -0.11 10.51
N ALA A 415 6.48 0.57 9.85
CA ALA A 415 7.31 -0.11 8.85
C ALA A 415 8.23 -1.13 9.52
N SER A 416 8.58 -2.14 8.73
CA SER A 416 9.43 -3.23 9.19
C SER A 416 10.92 -2.97 8.92
N LEU A 417 11.23 -1.86 8.27
CA LEU A 417 12.51 -1.71 7.57
C LEU A 417 13.73 -1.55 8.47
N ASP A 418 13.51 -1.26 9.75
CA ASP A 418 14.59 -1.25 10.74
C ASP A 418 15.20 -2.62 11.01
N GLN A 419 14.41 -3.68 10.85
CA GLN A 419 14.86 -5.03 11.23
C GLN A 419 14.61 -6.09 10.15
N PHE A 420 13.82 -5.72 9.14
CA PHE A 420 13.43 -6.67 8.10
C PHE A 420 13.63 -6.08 6.72
N LYS A 421 13.66 -6.96 5.73
CA LYS A 421 13.73 -6.53 4.32
C LYS A 421 12.46 -5.76 3.92
N ASN A 422 11.32 -6.21 4.46
CA ASN A 422 9.99 -5.71 4.06
C ASN A 422 8.94 -6.38 4.91
N PHE A 423 7.69 -5.92 4.80
CA PHE A 423 6.64 -6.42 5.71
C PHE A 423 6.31 -7.87 5.39
N GLU A 424 6.60 -8.32 4.17
CA GLU A 424 6.37 -9.74 3.84
C GLU A 424 7.31 -10.62 4.65
N GLN A 425 8.58 -10.22 4.73
CA GLN A 425 9.53 -11.02 5.48
C GLN A 425 9.11 -11.06 6.93
N ARG A 426 8.68 -9.92 7.46
CA ARG A 426 8.19 -9.85 8.83
C ARG A 426 6.99 -10.79 9.04
N GLY A 427 6.04 -10.74 8.12
CA GLY A 427 4.90 -11.66 8.17
C GLY A 427 5.29 -13.11 8.08
N ASN A 428 6.21 -13.44 7.17
CA ASN A 428 6.63 -14.84 7.04
C ASN A 428 7.34 -15.33 8.30
N GLU A 429 8.15 -14.47 8.90
CA GLU A 429 8.83 -14.86 10.14
C GLU A 429 7.83 -15.06 11.24
N PHE A 430 6.84 -14.20 11.31
CA PHE A 430 5.74 -14.38 12.25
C PHE A 430 5.01 -15.71 12.07
N ALA A 431 4.73 -16.07 10.82
CA ALA A 431 4.01 -17.30 10.54
C ALA A 431 4.83 -18.52 10.94
N ARG A 432 6.13 -18.49 10.66
CA ARG A 432 7.05 -19.58 11.00
CA ARG A 432 7.01 -19.61 11.00
C ARG A 432 7.05 -19.79 12.51
N LEU A 433 7.17 -18.69 13.23
CA LEU A 433 7.22 -18.72 14.70
C LEU A 433 5.87 -19.10 15.29
N ALA A 434 4.78 -18.64 14.67
CA ALA A 434 3.42 -19.04 15.11
C ALA A 434 3.26 -20.54 15.02
N LYS A 435 3.76 -21.13 13.95
CA LYS A 435 3.58 -22.56 13.76
C LYS A 435 4.44 -23.35 14.72
N GLU A 436 5.62 -22.83 15.03
CA GLU A 436 6.47 -23.46 16.06
C GLU A 436 5.82 -23.39 17.45
N LEU A 437 5.39 -22.20 17.83
CA LEU A 437 4.96 -21.93 19.20
C LEU A 437 3.51 -22.27 19.46
N GLY A 438 2.73 -22.44 18.40
CA GLY A 438 1.29 -22.64 18.54
C GLY A 438 0.84 -24.09 18.48
N SER A 439 1.79 -25.02 18.42
CA SER A 439 1.42 -26.44 18.55
C SER A 439 2.39 -27.17 19.45
N HIS A 440 1.98 -28.36 19.90
CA HIS A 440 2.87 -29.22 20.67
C HIS A 440 3.66 -30.08 19.69
#